data_5LZJ
#
_entry.id   5LZJ
#
_cell.length_a   102.245
_cell.length_b   66.476
_cell.length_c   82.401
_cell.angle_alpha   90.00
_cell.angle_beta   116.96
_cell.angle_gamma   90.00
#
_symmetry.space_group_name_H-M   'C 1 2 1'
#
loop_
_entity.id
_entity.type
_entity.pdbx_description
1 polymer 'Cholera enterotoxin subunit B'
2 non-polymer 'SULFATE ION'
3 non-polymer DI(HYDROXYETHYL)ETHER
4 non-polymer 'TRIETHYLENE GLYCOL'
5 non-polymer (~{Z})-~{N}-[2-[(2~{R},3~{R},4~{R},5~{R},6~{R})-6-(hydroxymethyl)-3,4,5-tris(oxidanyl)oxan-2-yl]ethyl]-3-(3,4,5-trimethoxyphenyl)prop-2-enamide
6 water water
#
_entity_poly.entity_id   1
_entity_poly.type   'polypeptide(L)'
_entity_poly.pdbx_seq_one_letter_code
;TPQNITDLCAEYHNTQIYTLNDKIFSYTESLAGKREMAIITFKNGAIFQVEVPGSQHIDSQKKAIERMKDTLRIAYLTEA
KVEKLCVWNNKTPHAIAAISMAN
;
_entity_poly.pdbx_strand_id   A,B,C,D,E
#
loop_
_chem_comp.id
_chem_comp.type
_chem_comp.name
_chem_comp.formula
7BT non-polymer (~{Z})-~{N}-[2-[(2~{R},3~{R},4~{R},5~{R},6~{R})-6-(hydroxymethyl)-3,4,5-tris(oxidanyl)oxan-2-yl]ethyl]-3-(3,4,5-trimethoxyphenyl)prop-2-enamide 'C20 H29 N O9'
PEG non-polymer DI(HYDROXYETHYL)ETHER 'C4 H10 O3'
PGE non-polymer 'TRIETHYLENE GLYCOL' 'C6 H14 O4'
SO4 non-polymer 'SULFATE ION' 'O4 S -2'
#
# COMPACT_ATOMS: atom_id res chain seq x y z
N THR A 1 19.79 22.01 -8.24
CA THR A 1 19.00 20.93 -7.54
C THR A 1 20.01 19.90 -7.14
N PRO A 2 19.96 19.49 -5.91
CA PRO A 2 20.93 18.43 -5.59
C PRO A 2 20.66 17.13 -6.30
N GLN A 3 21.67 16.31 -6.42
CA GLN A 3 21.49 15.04 -7.05
C GLN A 3 21.72 13.79 -6.15
N ASN A 4 21.98 14.02 -4.87
CA ASN A 4 22.22 12.92 -3.94
C ASN A 4 21.93 13.45 -2.55
N ILE A 5 21.81 12.52 -1.60
CA ILE A 5 21.41 12.91 -0.25
C ILE A 5 22.39 13.80 0.49
N THR A 6 23.67 13.64 0.21
CA THR A 6 24.68 14.48 0.92
C THR A 6 24.53 15.96 0.50
N ASP A 7 24.36 16.21 -0.81
CA ASP A 7 24.19 17.52 -1.29
C ASP A 7 22.84 18.10 -0.85
N LEU A 8 21.78 17.25 -0.81
CA LEU A 8 20.47 17.70 -0.37
C LEU A 8 20.53 18.12 1.12
N CYS A 9 21.17 17.28 1.93
CA CYS A 9 21.29 17.50 3.34
C CYS A 9 21.98 18.86 3.66
N ALA A 10 22.95 19.19 2.84
CA ALA A 10 23.72 20.44 3.05
C ALA A 10 22.90 21.69 2.83
N GLU A 11 21.76 21.58 2.18
CA GLU A 11 20.90 22.74 1.95
C GLU A 11 20.05 23.08 3.12
N TYR A 12 19.90 22.14 4.04
CA TYR A 12 19.07 22.31 5.17
C TYR A 12 19.80 22.73 6.38
N HIS A 13 19.06 23.34 7.31
CA HIS A 13 19.68 23.91 8.52
C HIS A 13 19.81 22.95 9.69
N ASN A 14 20.98 22.92 10.29
CA ASN A 14 21.19 22.09 11.50
C ASN A 14 20.89 20.60 11.25
N THR A 15 21.38 20.14 10.11
CA THR A 15 21.31 18.74 9.69
C THR A 15 22.66 18.10 9.63
N GLN A 16 22.64 16.78 9.62
CA GLN A 16 23.83 16.00 9.39
C GLN A 16 23.56 14.65 8.79
N ILE A 17 24.54 14.12 8.10
CA ILE A 17 24.48 12.79 7.52
C ILE A 17 25.01 11.76 8.50
N TYR A 18 24.24 10.68 8.73
CA TYR A 18 24.68 9.46 9.36
C TYR A 18 24.77 8.42 8.27
N THR A 19 25.92 7.73 8.16
CA THR A 19 26.08 6.68 7.22
C THR A 19 25.94 5.38 7.99
N LEU A 20 24.90 4.65 7.64
CA LEU A 20 24.59 3.37 8.31
C LEU A 20 25.10 2.17 7.56
N ASN A 21 24.78 2.08 6.23
CA ASN A 21 25.02 0.90 5.43
C ASN A 21 24.65 -0.36 6.14
N ASP A 22 23.35 -0.40 6.60
CA ASP A 22 22.88 -1.55 7.40
C ASP A 22 21.36 -1.54 7.29
N LYS A 23 20.81 -2.70 7.58
CA LYS A 23 19.34 -2.75 7.65
CA LYS A 23 19.33 -2.85 7.70
C LYS A 23 18.92 -2.24 9.01
N ILE A 24 17.63 -1.95 9.11
CA ILE A 24 17.04 -1.40 10.36
C ILE A 24 16.88 -2.51 11.39
N PHE A 25 17.27 -2.25 12.62
CA PHE A 25 17.25 -3.23 13.68
C PHE A 25 15.85 -3.36 14.34
N SER A 26 15.17 -2.25 14.55
CA SER A 26 13.81 -2.27 15.10
C SER A 26 13.00 -1.08 14.55
N TYR A 27 11.69 -1.29 14.57
CA TYR A 27 10.69 -0.28 14.09
C TYR A 27 9.61 -0.20 15.11
N THR A 28 9.32 1.00 15.53
CA THR A 28 8.31 1.29 16.55
C THR A 28 7.34 2.32 16.03
N GLU A 29 6.04 2.11 16.26
CA GLU A 29 4.98 2.98 15.78
C GLU A 29 4.00 3.23 16.85
N SER A 30 3.62 4.51 17.06
CA SER A 30 2.62 4.87 18.05
C SER A 30 1.48 5.60 17.45
N LEU A 31 0.26 5.33 17.91
CA LEU A 31 -0.91 6.12 17.52
C LEU A 31 -1.39 6.97 18.67
N ALA A 32 -0.66 6.99 19.78
CA ALA A 32 -1.12 7.65 21.01
C ALA A 32 -1.04 9.15 20.85
N GLY A 33 -1.92 9.85 21.56
CA GLY A 33 -2.33 11.23 21.23
C GLY A 33 -1.16 12.16 21.19
N LYS A 34 -1.02 12.89 20.09
CA LYS A 34 0.05 13.87 19.83
C LYS A 34 1.43 13.22 19.79
N ARG A 35 1.49 11.88 19.82
CA ARG A 35 2.77 11.17 19.73
C ARG A 35 2.61 10.20 18.57
N GLU A 36 1.99 10.65 17.51
CA GLU A 36 1.81 9.80 16.34
C GLU A 36 3.08 9.90 15.48
N MET A 37 3.88 8.87 15.59
CA MET A 37 5.33 8.90 15.34
C MET A 37 5.89 7.50 15.22
N ALA A 38 7.14 7.42 14.81
CA ALA A 38 7.74 6.24 14.38
C ALA A 38 9.17 6.45 14.82
N ILE A 39 9.74 5.41 15.35
CA ILE A 39 11.11 5.36 15.81
C ILE A 39 11.78 4.15 15.20
N ILE A 40 12.97 4.29 14.66
CA ILE A 40 13.79 3.19 14.14
C ILE A 40 15.11 3.18 14.92
N THR A 41 15.69 2.01 15.02
CA THR A 41 17.07 1.91 15.55
C THR A 41 17.86 1.01 14.66
N PHE A 42 19.18 1.09 14.84
CA PHE A 42 20.19 0.27 14.17
C PHE A 42 21.01 -0.47 15.22
N LYS A 43 21.58 -1.57 14.78
CA LYS A 43 22.34 -2.43 15.72
CA LYS A 43 22.33 -2.44 15.72
C LYS A 43 23.51 -1.71 16.42
N ASN A 44 24.01 -0.65 15.79
CA ASN A 44 25.08 0.16 16.42
C ASN A 44 24.57 1.10 17.50
N GLY A 45 23.28 1.09 17.84
CA GLY A 45 22.67 1.87 18.89
C GLY A 45 22.03 3.18 18.45
N ALA A 46 22.19 3.53 17.19
CA ALA A 46 21.61 4.78 16.74
C ALA A 46 20.04 4.69 16.70
N ILE A 47 19.42 5.79 17.08
CA ILE A 47 17.94 5.93 17.25
C ILE A 47 17.54 7.10 16.47
N PHE A 48 16.52 6.98 15.61
CA PHE A 48 16.00 8.10 14.88
C PHE A 48 14.46 8.13 14.88
N GLN A 49 13.84 9.28 14.69
CA GLN A 49 12.38 9.32 14.59
C GLN A 49 11.91 10.01 13.31
N VAL A 50 10.62 9.81 12.98
CA VAL A 50 9.89 10.67 12.08
C VAL A 50 9.01 11.52 12.95
N GLU A 51 9.24 12.83 12.93
CA GLU A 51 8.56 13.75 13.81
C GLU A 51 7.07 13.78 13.55
N VAL A 52 6.35 14.01 14.62
CA VAL A 52 4.91 14.27 14.62
C VAL A 52 4.69 15.53 13.77
N PRO A 53 3.72 15.50 12.82
CA PRO A 53 3.44 16.68 11.97
C PRO A 53 3.25 18.03 12.73
N GLY A 54 2.51 18.00 13.84
CA GLY A 54 2.01 19.23 14.50
C GLY A 54 0.74 19.64 13.76
N SER A 55 0.34 20.90 13.87
CA SER A 55 -0.81 21.46 13.11
C SER A 55 -0.39 22.65 12.20
N GLN A 56 0.91 22.74 11.94
CA GLN A 56 1.58 23.97 11.45
C GLN A 56 2.20 23.84 10.04
N HIS A 57 2.79 22.68 9.74
CA HIS A 57 3.25 22.36 8.38
C HIS A 57 2.01 22.21 7.48
N ILE A 58 2.25 22.27 6.18
CA ILE A 58 1.16 22.30 5.18
C ILE A 58 0.90 20.91 4.56
N ASP A 59 -0.14 20.79 3.74
CA ASP A 59 -0.66 19.50 3.25
C ASP A 59 0.33 18.56 2.56
N SER A 60 1.07 19.07 1.56
CA SER A 60 2.14 18.30 0.91
C SER A 60 3.24 17.81 1.90
N GLN A 61 3.57 18.64 2.90
CA GLN A 61 4.50 18.24 4.01
C GLN A 61 3.90 17.09 4.81
N LYS A 62 2.58 17.10 5.05
CA LYS A 62 1.89 15.97 5.65
C LYS A 62 2.06 14.70 4.85
N LYS A 63 1.82 14.77 3.56
CA LYS A 63 1.93 13.58 2.73
C LYS A 63 3.34 13.01 2.80
N ALA A 64 4.33 13.87 2.78
CA ALA A 64 5.72 13.43 2.75
C ALA A 64 6.10 12.75 4.09
N ILE A 65 5.59 13.25 5.22
CA ILE A 65 5.85 12.61 6.48
C ILE A 65 5.21 11.22 6.50
N GLU A 66 3.96 11.08 6.03
CA GLU A 66 3.37 9.77 5.90
C GLU A 66 4.14 8.84 4.99
N ARG A 67 4.63 9.35 3.83
CA ARG A 67 5.37 8.51 2.97
C ARG A 67 6.63 8.02 3.68
N MET A 68 7.31 8.90 4.43
CA MET A 68 8.56 8.46 5.06
C MET A 68 8.30 7.31 6.06
N LYS A 69 7.21 7.44 6.81
CA LYS A 69 6.92 6.31 7.73
CA LYS A 69 6.88 6.35 7.74
C LYS A 69 6.61 5.05 6.95
N ASP A 70 5.90 5.14 5.82
CA ASP A 70 5.69 3.96 4.99
C ASP A 70 7.02 3.32 4.50
N THR A 71 7.97 4.18 4.05
CA THR A 71 9.24 3.74 3.60
C THR A 71 9.99 3.00 4.70
N LEU A 72 10.03 3.60 5.87
CA LEU A 72 10.76 2.93 6.96
C LEU A 72 10.19 1.58 7.30
N ARG A 73 8.87 1.48 7.33
CA ARG A 73 8.24 0.20 7.64
C ARG A 73 8.57 -0.90 6.66
N ILE A 74 8.46 -0.54 5.38
CA ILE A 74 8.72 -1.52 4.36
C ILE A 74 10.22 -1.82 4.28
N ALA A 75 11.07 -0.83 4.52
CA ALA A 75 12.51 -1.11 4.57
C ALA A 75 12.84 -2.11 5.71
N TYR A 76 12.22 -1.89 6.84
CA TYR A 76 12.45 -2.72 7.96
C TYR A 76 12.03 -4.14 7.64
N LEU A 77 10.80 -4.29 7.12
CA LEU A 77 10.23 -5.63 6.86
C LEU A 77 10.95 -6.44 5.81
N THR A 78 11.52 -5.72 4.85
CA THR A 78 12.27 -6.36 3.77
C THR A 78 13.78 -6.49 4.03
N GLU A 79 14.25 -5.94 5.16
CA GLU A 79 15.69 -5.95 5.51
CA GLU A 79 15.69 -5.96 5.53
C GLU A 79 16.50 -5.20 4.50
N ALA A 80 15.91 -4.19 3.89
CA ALA A 80 16.64 -3.34 2.97
C ALA A 80 17.76 -2.59 3.64
N LYS A 81 18.93 -2.55 3.03
CA LYS A 81 20.04 -1.78 3.61
CA LYS A 81 20.05 -1.76 3.58
C LYS A 81 19.79 -0.26 3.42
N VAL A 82 19.92 0.51 4.50
CA VAL A 82 19.83 1.96 4.52
C VAL A 82 21.28 2.41 4.35
N GLU A 83 21.49 3.21 3.31
CA GLU A 83 22.84 3.74 3.12
C GLU A 83 23.04 4.89 4.09
N LYS A 84 22.35 6.04 3.91
CA LYS A 84 22.49 7.24 4.73
C LYS A 84 21.17 7.75 5.17
N LEU A 85 21.18 8.42 6.32
CA LEU A 85 20.10 9.28 6.78
C LEU A 85 20.57 10.70 6.90
N CYS A 86 19.79 11.65 6.41
CA CYS A 86 19.92 13.08 6.69
C CYS A 86 19.00 13.41 7.83
N VAL A 87 19.53 13.87 8.95
CA VAL A 87 18.71 14.11 10.16
C VAL A 87 18.93 15.48 10.73
N TRP A 88 17.93 16.05 11.37
CA TRP A 88 18.08 17.27 12.16
C TRP A 88 18.60 16.92 13.52
N ASN A 89 19.53 17.76 13.93
CA ASN A 89 20.25 17.63 15.18
C ASN A 89 19.55 18.15 16.37
N ASN A 90 18.51 18.96 16.20
CA ASN A 90 17.97 19.65 17.33
C ASN A 90 16.93 18.89 18.16
N LYS A 91 16.56 17.68 17.73
CA LYS A 91 15.63 16.82 18.46
C LYS A 91 16.34 15.56 18.93
N THR A 92 15.84 14.97 20.00
CA THR A 92 16.29 13.68 20.45
C THR A 92 15.00 12.81 20.53
N PRO A 93 14.96 11.60 19.92
CA PRO A 93 15.90 11.19 18.90
C PRO A 93 15.94 12.10 17.67
N HIS A 94 17.06 12.07 16.96
CA HIS A 94 17.16 12.97 15.82
C HIS A 94 16.08 12.65 14.79
N ALA A 95 15.54 13.68 14.22
CA ALA A 95 14.41 13.56 13.30
C ALA A 95 14.89 13.40 11.89
N ILE A 96 14.30 12.47 11.16
CA ILE A 96 14.73 12.19 9.80
C ILE A 96 14.18 13.23 8.77
N ALA A 97 15.09 13.70 7.92
CA ALA A 97 14.77 14.60 6.79
C ALA A 97 14.79 13.84 5.51
N ALA A 98 15.71 12.88 5.31
CA ALA A 98 15.88 12.11 4.10
C ALA A 98 16.53 10.79 4.35
N ILE A 99 16.34 9.88 3.40
CA ILE A 99 16.90 8.55 3.44
C ILE A 99 17.43 8.13 2.08
N SER A 100 18.59 7.47 1.99
CA SER A 100 18.98 6.76 0.83
C SER A 100 19.15 5.32 1.07
N MET A 101 18.72 4.52 0.11
CA MET A 101 18.89 3.08 0.11
CA MET A 101 18.86 3.06 0.11
C MET A 101 19.73 2.65 -1.03
N ALA A 102 20.72 1.83 -0.75
CA ALA A 102 21.53 1.26 -1.76
C ALA A 102 22.15 0.02 -1.11
N ASN A 103 22.58 -0.89 -1.94
CA ASN A 103 23.42 -1.98 -1.42
C ASN A 103 24.90 -1.62 -1.23
N THR B 1 -5.03 7.72 -28.28
CA THR B 1 -4.23 7.24 -27.11
C THR B 1 -2.99 6.45 -27.48
N PRO B 2 -1.82 6.76 -26.89
CA PRO B 2 -0.63 6.02 -27.16
C PRO B 2 -0.68 4.62 -26.58
N GLN B 3 0.08 3.70 -27.19
CA GLN B 3 0.02 2.28 -26.86
C GLN B 3 1.27 1.83 -26.21
N ASN B 4 2.26 2.71 -26.06
CA ASN B 4 3.53 2.41 -25.38
C ASN B 4 4.20 3.67 -24.94
N ILE B 5 5.19 3.47 -24.08
CA ILE B 5 5.85 4.62 -23.46
C ILE B 5 6.57 5.54 -24.44
N THR B 6 7.06 4.96 -25.53
CA THR B 6 7.83 5.75 -26.52
C THR B 6 6.92 6.71 -27.28
N ASP B 7 5.76 6.19 -27.69
CA ASP B 7 4.77 7.02 -28.31
C ASP B 7 4.17 8.08 -27.43
N LEU B 8 3.89 7.71 -26.15
CA LEU B 8 3.41 8.64 -25.14
C LEU B 8 4.42 9.80 -24.99
N CYS B 9 5.69 9.47 -24.87
CA CYS B 9 6.69 10.47 -24.59
C CYS B 9 6.78 11.53 -25.71
N ALA B 10 6.59 11.07 -26.93
CA ALA B 10 6.74 11.91 -28.13
C ALA B 10 5.58 12.89 -28.30
N GLU B 11 4.49 12.74 -27.59
CA GLU B 11 3.46 13.72 -27.57
C GLU B 11 3.79 15.06 -26.90
N TYR B 12 4.84 15.05 -26.09
CA TYR B 12 5.27 16.16 -25.28
C TYR B 12 6.52 16.86 -25.79
N HIS B 13 6.60 18.15 -25.53
CA HIS B 13 7.82 18.89 -25.75
C HIS B 13 8.76 18.67 -24.57
N ASN B 14 10.06 18.80 -24.87
CA ASN B 14 11.13 18.81 -23.87
C ASN B 14 11.18 17.46 -23.15
N THR B 15 10.85 16.36 -23.86
CA THR B 15 10.96 15.00 -23.31
C THR B 15 11.82 14.11 -24.18
N GLN B 16 12.49 13.11 -23.57
CA GLN B 16 13.05 11.97 -24.29
C GLN B 16 12.99 10.72 -23.53
N ILE B 17 13.31 9.64 -24.23
CA ILE B 17 13.38 8.30 -23.70
C ILE B 17 14.79 7.88 -23.36
N TYR B 18 14.98 7.31 -22.15
CA TYR B 18 16.16 6.55 -21.82
C TYR B 18 15.82 5.13 -21.64
N THR B 19 16.63 4.27 -22.22
CA THR B 19 16.52 2.86 -22.15
C THR B 19 17.57 2.24 -21.21
N LEU B 20 17.08 1.73 -20.09
CA LEU B 20 17.93 1.29 -19.04
C LEU B 20 18.07 -0.18 -19.01
N ASN B 21 16.96 -0.91 -19.12
CA ASN B 21 16.96 -2.38 -18.98
C ASN B 21 17.83 -2.84 -17.83
N ASP B 22 17.55 -2.29 -16.64
CA ASP B 22 18.33 -2.59 -15.44
C ASP B 22 17.46 -2.24 -14.23
N LYS B 23 17.79 -2.87 -13.14
CA LYS B 23 17.22 -2.53 -11.85
C LYS B 23 17.76 -1.21 -11.35
N ILE B 24 17.02 -0.56 -10.46
CA ILE B 24 17.41 0.71 -9.84
C ILE B 24 18.55 0.48 -8.82
N PHE B 25 19.62 1.27 -8.90
CA PHE B 25 20.80 1.09 -8.06
C PHE B 25 20.60 1.69 -6.67
N SER B 26 19.97 2.84 -6.64
CA SER B 26 19.71 3.57 -5.36
C SER B 26 18.45 4.37 -5.43
N TYR B 27 17.84 4.53 -4.28
CA TYR B 27 16.59 5.25 -4.09
C TYR B 27 16.77 6.23 -2.94
N THR B 28 16.49 7.49 -3.17
CA THR B 28 16.60 8.56 -2.21
C THR B 28 15.29 9.33 -2.06
N GLU B 29 14.86 9.52 -0.83
CA GLU B 29 13.59 10.17 -0.54
C GLU B 29 13.78 11.23 0.52
N SER B 30 13.25 12.42 0.28
CA SER B 30 13.31 13.51 1.24
C SER B 30 11.94 14.05 1.60
N LEU B 31 11.69 14.30 2.88
CA LEU B 31 10.48 14.99 3.34
C LEU B 31 10.70 16.49 3.57
N ALA B 32 11.95 16.94 3.40
CA ALA B 32 12.32 18.33 3.75
C ALA B 32 11.87 19.34 2.72
N GLY B 33 11.22 20.38 3.24
CA GLY B 33 10.81 21.57 2.50
C GLY B 33 10.04 21.30 1.24
N LYS B 34 10.05 22.28 0.37
CA LYS B 34 9.09 22.33 -0.71
C LYS B 34 9.31 21.22 -1.73
N ARG B 35 10.56 20.92 -2.04
CA ARG B 35 10.90 20.06 -3.14
C ARG B 35 10.65 18.59 -2.88
N GLU B 36 10.67 18.21 -1.64
CA GLU B 36 10.44 16.79 -1.23
C GLU B 36 11.01 15.71 -2.21
N MET B 37 12.30 15.79 -2.40
CA MET B 37 12.95 15.17 -3.55
C MET B 37 12.81 13.65 -3.51
N ALA B 38 12.63 13.03 -4.68
CA ALA B 38 12.70 11.60 -4.89
C ALA B 38 13.71 11.43 -6.00
N ILE B 39 14.76 10.69 -5.77
CA ILE B 39 15.87 10.54 -6.69
C ILE B 39 16.20 9.06 -6.85
N ILE B 40 16.32 8.57 -8.07
CA ILE B 40 16.74 7.22 -8.36
C ILE B 40 18.03 7.27 -9.21
N THR B 41 18.90 6.29 -9.00
CA THR B 41 20.06 6.17 -9.87
C THR B 41 20.21 4.76 -10.40
N PHE B 42 20.96 4.65 -11.53
CA PHE B 42 21.27 3.38 -12.14
C PHE B 42 22.78 3.22 -12.12
N LYS B 43 23.19 1.95 -12.17
CA LYS B 43 24.65 1.57 -12.13
C LYS B 43 25.44 2.20 -13.28
N ASN B 44 24.80 2.54 -14.38
CA ASN B 44 25.47 3.26 -15.52
C ASN B 44 25.77 4.73 -15.19
N GLY B 45 25.39 5.20 -13.99
CA GLY B 45 25.49 6.63 -13.63
C GLY B 45 24.34 7.51 -13.93
N ALA B 46 23.24 7.00 -14.50
CA ALA B 46 22.10 7.86 -14.76
C ALA B 46 21.35 8.22 -13.46
N ILE B 47 20.93 9.44 -13.39
CA ILE B 47 20.21 9.97 -12.24
C ILE B 47 18.94 10.62 -12.70
N PHE B 48 17.82 10.26 -12.02
CA PHE B 48 16.53 10.90 -12.33
C PHE B 48 15.76 11.30 -11.08
N GLN B 49 14.83 12.24 -11.18
CA GLN B 49 13.98 12.69 -10.09
C GLN B 49 12.52 12.61 -10.44
N VAL B 50 11.69 12.61 -9.41
CA VAL B 50 10.28 12.90 -9.55
C VAL B 50 9.97 14.24 -8.88
N GLU B 51 9.45 15.23 -9.59
CA GLU B 51 9.13 16.55 -9.00
C GLU B 51 7.83 16.60 -8.22
N VAL B 52 7.73 17.46 -7.23
CA VAL B 52 6.58 17.51 -6.32
C VAL B 52 5.43 18.14 -7.11
N PRO B 53 4.15 17.85 -6.74
CA PRO B 53 3.11 18.65 -7.41
C PRO B 53 3.28 20.12 -6.99
N GLY B 54 3.14 20.98 -7.97
CA GLY B 54 3.63 22.36 -7.94
C GLY B 54 2.77 23.21 -8.84
N SER B 55 3.25 24.42 -9.16
CA SER B 55 2.52 25.36 -10.07
C SER B 55 2.35 24.91 -11.53
N GLN B 56 3.29 24.07 -11.99
CA GLN B 56 3.30 23.56 -13.36
C GLN B 56 2.43 22.32 -13.62
N HIS B 57 1.81 21.74 -12.57
CA HIS B 57 0.98 20.52 -12.70
CA HIS B 57 0.99 20.51 -12.69
C HIS B 57 -0.50 20.86 -12.59
N ILE B 58 -1.30 20.25 -13.45
CA ILE B 58 -2.78 20.32 -13.43
C ILE B 58 -3.33 19.27 -12.43
N ASP B 59 -4.58 19.40 -11.95
CA ASP B 59 -5.01 18.63 -10.77
C ASP B 59 -4.97 17.08 -10.80
N SER B 60 -5.23 16.45 -11.95
CA SER B 60 -5.10 14.94 -12.19
C SER B 60 -3.70 14.31 -11.87
N GLN B 61 -2.75 15.21 -12.01
CA GLN B 61 -1.33 15.07 -11.77
CA GLN B 61 -1.35 14.84 -11.88
C GLN B 61 -0.95 14.57 -10.41
N LYS B 62 -1.63 15.16 -9.42
CA LYS B 62 -1.30 14.96 -8.00
C LYS B 62 -1.25 13.49 -7.62
N LYS B 63 -2.33 12.77 -7.91
CA LYS B 63 -2.37 11.34 -7.62
C LYS B 63 -1.31 10.55 -8.41
N ALA B 64 -1.08 10.93 -9.68
CA ALA B 64 -0.11 10.20 -10.52
C ALA B 64 1.31 10.40 -10.05
N ILE B 65 1.60 11.61 -9.51
CA ILE B 65 2.92 11.88 -8.95
C ILE B 65 3.17 10.99 -7.69
N GLU B 66 2.22 10.98 -6.79
CA GLU B 66 2.32 10.11 -5.59
C GLU B 66 2.51 8.65 -6.02
N ARG B 67 1.73 8.21 -7.02
CA ARG B 67 1.78 6.83 -7.49
C ARG B 67 3.18 6.55 -8.03
N MET B 68 3.73 7.49 -8.83
CA MET B 68 5.04 7.24 -9.38
C MET B 68 6.10 7.09 -8.32
N LYS B 69 6.06 7.90 -7.28
CA LYS B 69 6.99 7.68 -6.14
C LYS B 69 6.78 6.31 -5.51
N ASP B 70 5.51 5.89 -5.38
CA ASP B 70 5.29 4.59 -4.86
C ASP B 70 5.89 3.49 -5.73
N THR B 71 5.72 3.68 -7.03
CA THR B 71 6.22 2.70 -7.97
C THR B 71 7.75 2.55 -7.91
N LEU B 72 8.42 3.67 -7.82
CA LEU B 72 9.89 3.66 -7.81
C LEU B 72 10.40 2.98 -6.53
N ARG B 73 9.75 3.23 -5.39
CA ARG B 73 10.14 2.59 -4.14
C ARG B 73 10.00 1.08 -4.23
N ILE B 74 8.82 0.59 -4.70
CA ILE B 74 8.63 -0.86 -4.80
CA ILE B 74 8.64 -0.86 -4.81
C ILE B 74 9.48 -1.54 -5.86
N ALA B 75 9.68 -0.82 -6.98
CA ALA B 75 10.57 -1.29 -8.01
C ALA B 75 11.99 -1.48 -7.44
N TYR B 76 12.48 -0.45 -6.73
CA TYR B 76 13.76 -0.58 -6.09
C TYR B 76 13.84 -1.78 -5.14
N LEU B 77 12.86 -1.90 -4.26
CA LEU B 77 12.92 -2.94 -3.24
C LEU B 77 12.84 -4.36 -3.79
N THR B 78 12.13 -4.51 -4.92
CA THR B 78 11.90 -5.83 -5.53
C THR B 78 12.99 -6.10 -6.58
N GLU B 79 13.90 -5.15 -6.85
CA GLU B 79 14.90 -5.35 -7.91
CA GLU B 79 14.89 -5.28 -7.95
C GLU B 79 14.30 -5.54 -9.31
N ALA B 80 13.12 -4.97 -9.55
CA ALA B 80 12.48 -5.06 -10.82
C ALA B 80 13.28 -4.24 -11.86
N LYS B 81 13.42 -4.87 -12.99
CA LYS B 81 14.08 -4.25 -14.15
C LYS B 81 13.20 -3.12 -14.71
N VAL B 82 13.80 -1.95 -14.86
CA VAL B 82 13.20 -0.82 -15.51
C VAL B 82 13.57 -0.92 -16.96
N GLU B 83 12.58 -0.87 -17.83
CA GLU B 83 12.88 -0.93 -19.30
C GLU B 83 13.29 0.46 -19.75
N LYS B 84 12.34 1.38 -19.74
CA LYS B 84 12.51 2.77 -20.19
C LYS B 84 12.01 3.75 -19.23
N LEU B 85 12.56 4.95 -19.23
CA LEU B 85 11.99 6.17 -18.68
C LEU B 85 11.74 7.23 -19.67
N CYS B 86 10.59 7.86 -19.65
CA CYS B 86 10.29 9.08 -20.38
C CYS B 86 10.55 10.20 -19.37
N VAL B 87 11.39 11.17 -19.74
CA VAL B 87 11.82 12.25 -18.81
C VAL B 87 11.73 13.61 -19.49
N TRP B 88 11.48 14.65 -18.72
CA TRP B 88 11.60 16.02 -19.10
C TRP B 88 13.11 16.33 -19.04
N ASN B 89 13.67 16.83 -20.16
CA ASN B 89 15.09 17.18 -20.25
C ASN B 89 15.41 18.65 -19.90
N ASN B 90 14.45 19.41 -19.43
CA ASN B 90 14.66 20.83 -19.11
C ASN B 90 14.71 21.05 -17.59
N LYS B 91 14.91 19.93 -16.89
CA LYS B 91 15.14 19.92 -15.43
C LYS B 91 16.40 19.10 -15.18
N THR B 92 17.11 19.39 -14.09
CA THR B 92 18.31 18.62 -13.72
C THR B 92 18.25 18.24 -12.21
N PRO B 93 18.35 16.96 -11.83
CA PRO B 93 18.20 15.78 -12.71
C PRO B 93 16.90 15.80 -13.55
N HIS B 94 16.98 15.06 -14.63
CA HIS B 94 15.86 14.97 -15.54
C HIS B 94 14.71 14.35 -14.73
N ALA B 95 13.56 14.88 -14.99
CA ALA B 95 12.35 14.59 -14.26
C ALA B 95 11.50 13.54 -14.97
N ILE B 96 11.04 12.56 -14.23
CA ILE B 96 10.33 11.40 -14.79
C ILE B 96 8.89 11.75 -15.09
N ALA B 97 8.51 11.50 -16.36
CA ALA B 97 7.13 11.59 -16.81
C ALA B 97 6.43 10.23 -16.88
N ALA B 98 7.12 9.16 -17.21
CA ALA B 98 6.59 7.79 -17.37
C ALA B 98 7.67 6.77 -17.22
N ILE B 99 7.24 5.59 -16.81
CA ILE B 99 8.12 4.46 -16.65
C ILE B 99 7.53 3.21 -17.29
N SER B 100 8.36 2.35 -17.84
CA SER B 100 7.97 1.02 -18.28
C SER B 100 8.89 -0.01 -17.61
N MET B 101 8.30 -1.16 -17.21
CA MET B 101 9.00 -2.24 -16.56
CA MET B 101 9.00 -2.27 -16.54
C MET B 101 8.73 -3.48 -17.41
N ALA B 102 9.77 -4.21 -17.73
CA ALA B 102 9.72 -5.48 -18.46
C ALA B 102 10.99 -6.29 -18.08
N ASN B 103 10.79 -7.61 -17.94
CA ASN B 103 11.77 -8.77 -17.94
C ASN B 103 12.20 -9.34 -16.59
N THR C 1 -26.64 -8.94 -8.77
CA THR C 1 -25.16 -8.81 -8.76
C THR C 1 -24.55 -10.03 -9.46
N PRO C 2 -23.58 -9.84 -10.35
CA PRO C 2 -22.97 -10.95 -11.06
C PRO C 2 -22.11 -11.79 -10.14
N GLN C 3 -21.93 -13.01 -10.56
CA GLN C 3 -21.24 -14.03 -9.79
C GLN C 3 -19.76 -14.20 -10.14
N ASN C 4 -19.35 -13.76 -11.36
CA ASN C 4 -18.03 -13.93 -11.86
C ASN C 4 -17.77 -12.82 -12.92
N ILE C 5 -16.52 -12.73 -13.37
CA ILE C 5 -16.14 -11.70 -14.29
C ILE C 5 -16.84 -11.81 -15.65
N THR C 6 -17.11 -13.03 -16.10
CA THR C 6 -17.76 -13.21 -17.42
C THR C 6 -19.17 -12.61 -17.35
N ASP C 7 -19.92 -12.97 -16.33
CA ASP C 7 -21.27 -12.45 -16.17
C ASP C 7 -21.31 -10.97 -15.94
N LEU C 8 -20.32 -10.42 -15.16
CA LEU C 8 -20.22 -9.01 -15.01
C LEU C 8 -19.98 -8.35 -16.38
N CYS C 9 -19.09 -8.94 -17.18
CA CYS C 9 -18.73 -8.32 -18.48
C CYS C 9 -19.99 -8.24 -19.36
N ALA C 10 -20.80 -9.26 -19.31
CA ALA C 10 -22.01 -9.34 -20.16
C ALA C 10 -23.02 -8.31 -19.81
N GLU C 11 -22.93 -7.62 -18.66
CA GLU C 11 -23.90 -6.65 -18.33
C GLU C 11 -23.69 -5.30 -19.11
N TYR C 12 -22.58 -5.11 -19.82
CA TYR C 12 -22.19 -3.82 -20.33
C TYR C 12 -22.16 -3.91 -21.87
N HIS C 13 -22.40 -2.79 -22.55
CA HIS C 13 -22.18 -2.70 -24.00
C HIS C 13 -20.70 -2.50 -24.25
N ASN C 14 -20.24 -2.94 -25.42
CA ASN C 14 -18.90 -2.66 -25.91
C ASN C 14 -17.84 -3.30 -25.04
N THR C 15 -18.14 -4.48 -24.51
CA THR C 15 -17.14 -5.24 -23.76
C THR C 15 -16.87 -6.63 -24.32
N GLN C 16 -15.74 -7.22 -23.96
CA GLN C 16 -15.52 -8.63 -24.19
C GLN C 16 -14.52 -9.19 -23.18
N ILE C 17 -14.50 -10.47 -23.04
CA ILE C 17 -13.58 -11.16 -22.17
C ILE C 17 -12.40 -11.64 -22.96
N TYR C 18 -11.21 -11.45 -22.43
CA TYR C 18 -10.02 -12.09 -22.99
C TYR C 18 -9.52 -13.02 -21.92
N THR C 19 -9.15 -14.21 -22.29
CA THR C 19 -8.62 -15.22 -21.34
C THR C 19 -7.14 -15.31 -21.61
N LEU C 20 -6.34 -14.74 -20.69
CA LEU C 20 -4.93 -14.74 -20.81
C LEU C 20 -4.24 -15.91 -20.16
N ASN C 21 -4.68 -16.27 -18.94
CA ASN C 21 -4.00 -17.32 -18.18
C ASN C 21 -2.49 -17.16 -18.27
N ASP C 22 -2.00 -15.96 -17.89
CA ASP C 22 -0.54 -15.67 -18.05
C ASP C 22 -0.24 -14.46 -17.20
N LYS C 23 1.00 -14.37 -16.74
CA LYS C 23 1.53 -13.18 -16.06
CA LYS C 23 1.41 -13.15 -16.05
C LYS C 23 1.56 -11.97 -17.01
N ILE C 24 1.61 -10.78 -16.44
CA ILE C 24 1.78 -9.58 -17.20
C ILE C 24 3.22 -9.49 -17.75
N PHE C 25 3.39 -9.25 -19.06
CA PHE C 25 4.69 -9.06 -19.63
C PHE C 25 5.35 -7.73 -19.44
N SER C 26 4.64 -6.62 -19.49
CA SER C 26 5.16 -5.33 -19.19
C SER C 26 4.12 -4.43 -18.54
N TYR C 27 4.62 -3.51 -17.71
CA TYR C 27 3.81 -2.51 -16.99
C TYR C 27 4.37 -1.16 -17.24
N THR C 28 3.56 -0.26 -17.72
CA THR C 28 3.89 1.16 -17.96
C THR C 28 2.90 2.08 -17.23
N GLU C 29 3.41 3.13 -16.60
CA GLU C 29 2.57 4.17 -16.06
C GLU C 29 3.15 5.53 -16.31
N SER C 30 2.24 6.47 -16.48
CA SER C 30 2.55 7.88 -16.80
C SER C 30 1.89 8.84 -15.82
N LEU C 31 2.63 9.90 -15.50
CA LEU C 31 2.15 11.04 -14.75
C LEU C 31 1.96 12.30 -15.61
N ALA C 32 2.24 12.18 -16.89
CA ALA C 32 2.26 13.32 -17.79
C ALA C 32 0.84 13.85 -17.92
N GLY C 33 0.66 15.20 -18.04
CA GLY C 33 -0.69 15.80 -18.00
C GLY C 33 -1.57 15.35 -19.17
N LYS C 34 -2.79 14.92 -18.83
CA LYS C 34 -3.76 14.38 -19.81
C LYS C 34 -3.41 12.95 -20.25
N ARG C 35 -2.34 12.37 -19.72
CA ARG C 35 -2.01 10.95 -19.95
C ARG C 35 -1.68 10.27 -18.64
N GLU C 36 -2.48 10.52 -17.64
CA GLU C 36 -2.35 9.88 -16.33
C GLU C 36 -3.04 8.48 -16.43
N MET C 37 -2.26 7.53 -16.91
CA MET C 37 -2.77 6.20 -17.35
C MET C 37 -1.76 5.12 -17.05
N ALA C 38 -2.21 3.85 -17.18
CA ALA C 38 -1.33 2.70 -17.18
C ALA C 38 -1.59 1.88 -18.42
N ILE C 39 -0.58 1.16 -18.85
CA ILE C 39 -0.63 0.26 -20.03
C ILE C 39 0.06 -1.02 -19.65
N ILE C 40 -0.57 -2.17 -19.89
CA ILE C 40 0.05 -3.44 -19.70
C ILE C 40 0.06 -4.23 -21.04
N THR C 41 1.01 -5.08 -21.21
CA THR C 41 1.08 -6.06 -22.32
C THR C 41 1.29 -7.44 -21.86
N PHE C 42 0.89 -8.39 -22.67
CA PHE C 42 1.05 -9.82 -22.48
C PHE C 42 2.01 -10.37 -23.53
N LYS C 43 2.56 -11.54 -23.27
CA LYS C 43 3.52 -12.18 -24.21
C LYS C 43 2.87 -12.51 -25.57
N ASN C 44 1.56 -12.71 -25.59
CA ASN C 44 0.82 -12.94 -26.89
C ASN C 44 0.67 -11.65 -27.69
N GLY C 45 1.10 -10.50 -27.21
CA GLY C 45 1.06 -9.18 -27.87
C GLY C 45 -0.05 -8.26 -27.44
N ALA C 46 -1.06 -8.81 -26.79
CA ALA C 46 -2.23 -8.03 -26.40
C ALA C 46 -1.82 -6.85 -25.53
N ILE C 47 -2.39 -5.71 -25.83
CA ILE C 47 -2.13 -4.42 -25.09
C ILE C 47 -3.43 -3.98 -24.46
N PHE C 48 -3.37 -3.51 -23.18
CA PHE C 48 -4.55 -2.99 -22.54
C PHE C 48 -4.18 -1.74 -21.77
N GLN C 49 -5.13 -0.86 -21.54
CA GLN C 49 -4.92 0.40 -20.74
C GLN C 49 -5.88 0.44 -19.56
N VAL C 50 -5.48 1.16 -18.51
CA VAL C 50 -6.43 1.77 -17.57
C VAL C 50 -6.55 3.21 -17.98
N GLU C 51 -7.74 3.56 -18.44
CA GLU C 51 -7.98 4.89 -19.00
C GLU C 51 -7.66 6.06 -18.08
N VAL C 52 -7.19 7.16 -18.63
CA VAL C 52 -7.25 8.44 -17.91
C VAL C 52 -8.63 8.68 -17.37
N PRO C 53 -8.78 9.12 -16.12
CA PRO C 53 -10.12 9.52 -15.68
C PRO C 53 -10.75 10.63 -16.54
N GLY C 54 -12.02 10.47 -16.87
CA GLY C 54 -12.69 11.32 -17.85
C GLY C 54 -14.15 11.49 -17.60
N SER C 55 -14.76 12.30 -18.46
CA SER C 55 -16.21 12.61 -18.28
C SER C 55 -17.05 11.38 -18.52
N GLN C 56 -16.52 10.31 -19.12
CA GLN C 56 -17.24 9.06 -19.20
C GLN C 56 -17.48 8.35 -17.87
N HIS C 57 -16.63 8.61 -16.88
CA HIS C 57 -16.66 7.91 -15.59
C HIS C 57 -17.59 8.56 -14.64
N ILE C 58 -18.22 7.76 -13.80
CA ILE C 58 -19.05 8.31 -12.72
C ILE C 58 -18.19 8.39 -11.44
N ASP C 59 -18.64 9.10 -10.43
CA ASP C 59 -17.84 9.43 -9.26
C ASP C 59 -17.43 8.14 -8.54
N SER C 60 -18.33 7.16 -8.50
CA SER C 60 -18.03 5.90 -7.85
C SER C 60 -16.86 5.08 -8.46
N GLN C 61 -16.51 5.35 -9.71
CA GLN C 61 -15.43 4.64 -10.38
C GLN C 61 -14.06 5.22 -9.99
N LYS C 62 -13.98 6.41 -9.41
CA LYS C 62 -12.66 7.05 -9.27
C LYS C 62 -11.72 6.33 -8.38
N LYS C 63 -12.22 5.89 -7.26
CA LYS C 63 -11.40 5.03 -6.39
CA LYS C 63 -11.38 5.06 -6.39
C LYS C 63 -11.03 3.72 -7.04
N ALA C 64 -11.97 3.15 -7.80
CA ALA C 64 -11.77 1.82 -8.37
C ALA C 64 -10.74 1.88 -9.51
N ILE C 65 -10.70 3.00 -10.24
CA ILE C 65 -9.64 3.22 -11.23
C ILE C 65 -8.24 3.23 -10.57
N GLU C 66 -8.15 3.95 -9.43
CA GLU C 66 -6.87 3.99 -8.73
C GLU C 66 -6.49 2.60 -8.23
N ARG C 67 -7.48 1.90 -7.72
CA ARG C 67 -7.25 0.56 -7.26
C ARG C 67 -6.72 -0.41 -8.33
N MET C 68 -7.31 -0.30 -9.52
CA MET C 68 -6.96 -1.17 -10.59
C MET C 68 -5.51 -0.96 -10.95
N LYS C 69 -5.09 0.28 -11.02
CA LYS C 69 -3.66 0.55 -11.27
C LYS C 69 -2.71 -0.01 -10.20
N ASP C 70 -3.17 0.04 -8.98
CA ASP C 70 -2.46 -0.65 -7.89
C ASP C 70 -2.38 -2.14 -8.10
N THR C 71 -3.53 -2.73 -8.42
CA THR C 71 -3.59 -4.09 -8.72
C THR C 71 -2.66 -4.55 -9.80
N LEU C 72 -2.71 -3.86 -10.93
CA LEU C 72 -1.85 -4.24 -12.02
C LEU C 72 -0.38 -4.12 -11.71
N ARG C 73 0.06 -3.08 -10.99
CA ARG C 73 1.48 -2.95 -10.63
C ARG C 73 1.95 -4.12 -9.74
N ILE C 74 1.13 -4.44 -8.74
CA ILE C 74 1.57 -5.53 -7.84
C ILE C 74 1.45 -6.92 -8.48
N ALA C 75 0.44 -7.10 -9.33
CA ALA C 75 0.39 -8.33 -10.11
C ALA C 75 1.62 -8.55 -10.98
N TYR C 76 1.95 -7.46 -11.69
CA TYR C 76 3.19 -7.50 -12.53
C TYR C 76 4.42 -7.85 -11.68
N LEU C 77 4.59 -7.21 -10.52
CA LEU C 77 5.82 -7.40 -9.73
C LEU C 77 5.91 -8.76 -9.09
N THR C 78 4.76 -9.32 -8.77
CA THR C 78 4.69 -10.66 -8.19
C THR C 78 4.52 -11.82 -9.23
N GLU C 79 4.47 -11.43 -10.52
CA GLU C 79 4.28 -12.38 -11.62
CA GLU C 79 4.31 -12.41 -11.62
C GLU C 79 3.03 -13.21 -11.45
N ALA C 80 2.00 -12.59 -10.90
CA ALA C 80 0.75 -13.29 -10.69
C ALA C 80 0.10 -13.61 -12.03
N LYS C 81 -0.47 -14.80 -12.15
CA LYS C 81 -1.19 -15.16 -13.39
CA LYS C 81 -1.18 -15.11 -13.41
C LYS C 81 -2.52 -14.42 -13.47
N VAL C 82 -2.75 -13.72 -14.58
CA VAL C 82 -4.02 -13.08 -14.90
C VAL C 82 -4.87 -14.15 -15.62
N GLU C 83 -6.06 -14.39 -15.07
CA GLU C 83 -6.96 -15.35 -15.72
C GLU C 83 -7.70 -14.70 -16.87
N LYS C 84 -8.53 -13.73 -16.56
CA LYS C 84 -9.33 -13.02 -17.54
C LYS C 84 -9.27 -11.53 -17.37
N LEU C 85 -9.44 -10.80 -18.46
CA LEU C 85 -9.77 -9.37 -18.41
C LEU C 85 -11.10 -9.15 -19.05
N CYS C 86 -11.92 -8.29 -18.48
CA CYS C 86 -13.11 -7.75 -19.13
C CYS C 86 -12.73 -6.38 -19.60
N VAL C 87 -12.89 -6.06 -20.89
CA VAL C 87 -12.39 -4.80 -21.41
C VAL C 87 -13.39 -4.17 -22.33
N TRP C 88 -13.35 -2.86 -22.41
CA TRP C 88 -14.10 -2.08 -23.39
C TRP C 88 -13.31 -2.12 -24.71
N ASN C 89 -14.02 -2.56 -25.77
CA ASN C 89 -13.39 -2.75 -27.05
C ASN C 89 -13.67 -1.59 -28.01
N ASN C 90 -14.24 -0.54 -27.51
CA ASN C 90 -14.45 0.74 -28.26
C ASN C 90 -13.36 1.75 -28.04
N LYS C 91 -12.24 1.33 -27.47
CA LYS C 91 -11.05 2.18 -27.22
C LYS C 91 -9.83 1.39 -27.68
N THR C 92 -8.74 2.10 -28.08
CA THR C 92 -7.47 1.44 -28.40
C THR C 92 -6.42 2.18 -27.57
N PRO C 93 -5.64 1.52 -26.73
CA PRO C 93 -5.77 0.07 -26.42
C PRO C 93 -7.11 -0.19 -25.77
N HIS C 94 -7.55 -1.42 -25.82
CA HIS C 94 -8.77 -1.82 -25.14
C HIS C 94 -8.64 -1.47 -23.63
N ALA C 95 -9.73 -0.97 -23.03
CA ALA C 95 -9.74 -0.37 -21.72
C ALA C 95 -10.19 -1.42 -20.69
N ILE C 96 -9.42 -1.58 -19.61
CA ILE C 96 -9.80 -2.55 -18.59
C ILE C 96 -10.96 -2.08 -17.74
N ALA C 97 -11.99 -2.97 -17.68
CA ALA C 97 -13.13 -2.88 -16.78
C ALA C 97 -13.01 -3.75 -15.54
N ALA C 98 -12.46 -4.94 -15.71
CA ALA C 98 -12.32 -5.94 -14.57
C ALA C 98 -11.21 -6.91 -14.88
N ILE C 99 -10.66 -7.52 -13.83
CA ILE C 99 -9.56 -8.46 -13.93
C ILE C 99 -9.91 -9.59 -12.97
N SER C 100 -9.53 -10.79 -13.40
CA SER C 100 -9.56 -12.01 -12.53
C SER C 100 -8.20 -12.59 -12.52
N MET C 101 -7.73 -13.03 -11.32
CA MET C 101 -6.49 -13.75 -11.14
CA MET C 101 -6.47 -13.73 -11.13
C MET C 101 -6.80 -15.11 -10.55
N ALA C 102 -6.18 -16.12 -11.13
CA ALA C 102 -6.24 -17.49 -10.66
C ALA C 102 -5.02 -18.24 -11.19
N ASN C 103 -4.57 -19.18 -10.38
CA ASN C 103 -3.62 -20.31 -10.67
C ASN C 103 -2.20 -19.87 -10.73
N THR D 1 -17.33 -5.05 23.22
CA THR D 1 -16.48 -5.42 22.03
C THR D 1 -16.10 -6.95 21.91
N PRO D 2 -16.39 -7.60 20.79
CA PRO D 2 -16.13 -9.02 20.58
C PRO D 2 -14.63 -9.28 20.52
N GLN D 3 -14.23 -10.50 20.83
CA GLN D 3 -12.79 -10.88 20.88
C GLN D 3 -12.38 -11.77 19.76
N ASN D 4 -13.35 -12.15 18.88
CA ASN D 4 -13.06 -12.98 17.73
C ASN D 4 -14.16 -12.82 16.67
N ILE D 5 -13.89 -13.36 15.50
CA ILE D 5 -14.82 -13.17 14.35
C ILE D 5 -16.18 -13.85 14.57
N THR D 6 -16.17 -14.94 15.31
CA THR D 6 -17.41 -15.69 15.52
C THR D 6 -18.37 -14.85 16.38
N ASP D 7 -17.85 -14.37 17.47
CA ASP D 7 -18.64 -13.49 18.31
C ASP D 7 -19.06 -12.17 17.70
N LEU D 8 -18.17 -11.60 16.83
CA LEU D 8 -18.51 -10.39 16.11
C LEU D 8 -19.66 -10.66 15.11
N CYS D 9 -19.54 -11.77 14.38
CA CYS D 9 -20.60 -12.19 13.44
C CYS D 9 -21.95 -12.27 14.09
N ALA D 10 -21.95 -12.81 15.30
CA ALA D 10 -23.23 -13.01 15.96
C ALA D 10 -23.88 -11.73 16.44
N GLU D 11 -23.23 -10.58 16.44
CA GLU D 11 -23.87 -9.33 16.77
C GLU D 11 -24.84 -8.76 15.69
N TYR D 12 -24.83 -9.37 14.52
CA TYR D 12 -25.54 -8.87 13.36
C TYR D 12 -26.57 -9.88 12.90
N HIS D 13 -27.63 -9.33 12.33
CA HIS D 13 -28.65 -10.15 11.69
C HIS D 13 -28.23 -10.49 10.28
N ASN D 14 -28.72 -11.58 9.77
CA ASN D 14 -28.50 -11.94 8.39
C ASN D 14 -27.04 -12.33 8.14
N THR D 15 -26.32 -12.85 9.13
CA THR D 15 -24.92 -13.27 8.91
C THR D 15 -24.70 -14.70 9.26
N GLN D 16 -23.58 -15.25 8.80
CA GLN D 16 -23.14 -16.53 9.22
C GLN D 16 -21.64 -16.67 9.00
N ILE D 17 -21.03 -17.62 9.68
CA ILE D 17 -19.67 -17.97 9.58
C ILE D 17 -19.45 -19.11 8.61
N TYR D 18 -18.54 -18.93 7.66
CA TYR D 18 -17.98 -20.04 6.89
C TYR D 18 -16.53 -20.34 7.26
N THR D 19 -16.19 -21.61 7.48
CA THR D 19 -14.85 -21.96 7.93
C THR D 19 -14.18 -22.59 6.71
N LEU D 20 -13.21 -21.89 6.15
CA LEU D 20 -12.52 -22.28 4.96
C LEU D 20 -11.23 -23.01 5.21
N ASN D 21 -10.40 -22.48 6.12
CA ASN D 21 -9.02 -22.96 6.33
C ASN D 21 -8.31 -23.26 5.04
N ASP D 22 -8.32 -22.29 4.12
CA ASP D 22 -7.70 -22.48 2.83
C ASP D 22 -7.39 -21.08 2.23
N LYS D 23 -6.43 -21.05 1.35
CA LYS D 23 -6.10 -19.84 0.63
C LYS D 23 -7.16 -19.52 -0.38
N ILE D 24 -7.22 -18.26 -0.82
CA ILE D 24 -8.12 -17.82 -1.85
C ILE D 24 -7.71 -18.48 -3.17
N PHE D 25 -8.71 -19.00 -3.90
CA PHE D 25 -8.47 -19.60 -5.22
C PHE D 25 -8.42 -18.64 -6.39
N SER D 26 -9.32 -17.64 -6.32
CA SER D 26 -9.31 -16.57 -7.32
C SER D 26 -9.73 -15.27 -6.72
N TYR D 27 -9.23 -14.18 -7.34
CA TYR D 27 -9.55 -12.79 -6.90
C TYR D 27 -9.95 -12.02 -8.15
N THR D 28 -11.09 -11.34 -8.09
CA THR D 28 -11.61 -10.57 -9.21
C THR D 28 -11.95 -9.16 -8.67
N GLU D 29 -11.60 -8.13 -9.42
CA GLU D 29 -12.09 -6.81 -9.08
C GLU D 29 -12.51 -6.07 -10.37
N SER D 30 -13.42 -5.12 -10.15
CA SER D 30 -14.07 -4.39 -11.23
C SER D 30 -14.09 -2.92 -10.91
N LEU D 31 -13.86 -2.06 -11.95
CA LEU D 31 -14.05 -0.66 -11.93
C LEU D 31 -15.25 -0.23 -12.79
N ALA D 32 -15.98 -1.19 -13.29
CA ALA D 32 -17.12 -0.81 -14.15
C ALA D 32 -18.21 -0.11 -13.34
N GLY D 33 -18.85 0.87 -13.94
CA GLY D 33 -19.79 1.65 -13.21
C GLY D 33 -21.00 0.94 -12.64
N LYS D 34 -21.25 1.17 -11.35
CA LYS D 34 -22.26 0.43 -10.54
C LYS D 34 -21.86 -1.02 -10.24
N ARG D 35 -20.65 -1.45 -10.58
CA ARG D 35 -20.12 -2.77 -10.25
C ARG D 35 -18.68 -2.62 -9.74
N GLU D 36 -18.48 -1.59 -8.92
CA GLU D 36 -17.16 -1.32 -8.27
C GLU D 36 -17.04 -2.24 -7.03
N MET D 37 -16.62 -3.48 -7.29
CA MET D 37 -16.71 -4.63 -6.35
C MET D 37 -15.56 -5.57 -6.51
N ALA D 38 -15.40 -6.43 -5.53
CA ALA D 38 -14.49 -7.54 -5.64
C ALA D 38 -15.27 -8.84 -5.43
N ILE D 39 -14.75 -9.92 -5.99
CA ILE D 39 -15.32 -11.25 -5.89
C ILE D 39 -14.16 -12.22 -5.62
N ILE D 40 -14.22 -13.08 -4.57
CA ILE D 40 -13.21 -14.10 -4.38
C ILE D 40 -13.87 -15.49 -4.41
N THR D 41 -13.13 -16.49 -4.84
CA THR D 41 -13.56 -17.87 -4.70
C THR D 41 -12.59 -18.71 -3.99
N PHE D 42 -13.07 -19.84 -3.51
CA PHE D 42 -12.27 -20.88 -2.96
C PHE D 42 -12.30 -22.14 -3.81
N LYS D 43 -11.38 -23.07 -3.60
CA LYS D 43 -11.24 -24.28 -4.38
C LYS D 43 -12.51 -25.16 -4.36
N ASN D 44 -13.25 -25.11 -3.26
CA ASN D 44 -14.53 -25.82 -3.19
C ASN D 44 -15.64 -25.17 -3.93
N GLY D 45 -15.38 -24.08 -4.64
CA GLY D 45 -16.39 -23.46 -5.44
C GLY D 45 -17.06 -22.22 -4.84
N ALA D 46 -17.00 -22.10 -3.51
CA ALA D 46 -17.69 -21.02 -2.79
C ALA D 46 -17.26 -19.63 -3.31
N ILE D 47 -18.22 -18.75 -3.51
CA ILE D 47 -18.07 -17.38 -4.03
C ILE D 47 -18.50 -16.42 -2.98
N PHE D 48 -17.72 -15.30 -2.83
CA PHE D 48 -18.06 -14.26 -1.93
C PHE D 48 -17.73 -12.92 -2.58
N GLN D 49 -18.47 -11.89 -2.21
CA GLN D 49 -18.22 -10.51 -2.73
C GLN D 49 -17.87 -9.51 -1.61
N VAL D 50 -17.19 -8.45 -1.98
CA VAL D 50 -17.20 -7.25 -1.24
C VAL D 50 -18.14 -6.35 -2.00
N GLU D 51 -19.22 -5.91 -1.32
CA GLU D 51 -20.28 -5.19 -2.02
C GLU D 51 -19.86 -3.84 -2.57
N VAL D 52 -20.50 -3.45 -3.63
CA VAL D 52 -20.46 -2.05 -4.06
C VAL D 52 -20.96 -1.11 -2.93
N PRO D 53 -20.26 0.01 -2.60
CA PRO D 53 -20.70 0.90 -1.55
C PRO D 53 -22.11 1.41 -1.88
N GLY D 54 -23.04 1.35 -0.94
CA GLY D 54 -24.39 1.95 -1.17
C GLY D 54 -25.08 2.40 0.07
N SER D 55 -26.39 2.71 -0.10
CA SER D 55 -27.20 3.30 0.90
C SER D 55 -27.30 2.42 2.15
N GLN D 56 -27.06 1.10 2.06
CA GLN D 56 -27.06 0.21 3.22
C GLN D 56 -25.89 0.53 4.20
N HIS D 57 -24.79 1.09 3.68
CA HIS D 57 -23.56 1.29 4.44
C HIS D 57 -23.56 2.63 5.15
N ILE D 58 -23.04 2.65 6.40
CA ILE D 58 -22.86 3.92 7.08
C ILE D 58 -21.52 4.53 6.68
N ASP D 59 -21.33 5.83 6.92
CA ASP D 59 -20.09 6.45 6.40
C ASP D 59 -18.83 5.81 6.91
N SER D 60 -18.80 5.40 8.18
CA SER D 60 -17.59 4.71 8.72
C SER D 60 -17.17 3.46 8.00
N GLN D 61 -18.10 2.81 7.32
CA GLN D 61 -17.77 1.61 6.60
C GLN D 61 -17.08 1.88 5.33
N LYS D 62 -17.15 3.09 4.77
CA LYS D 62 -16.52 3.32 3.42
C LYS D 62 -15.02 3.02 3.40
N LYS D 63 -14.25 3.50 4.42
CA LYS D 63 -12.81 3.18 4.47
C LYS D 63 -12.58 1.72 4.72
N ALA D 64 -13.48 1.12 5.54
CA ALA D 64 -13.26 -0.28 5.81
C ALA D 64 -13.54 -1.23 4.58
N ILE D 65 -14.52 -0.87 3.73
CA ILE D 65 -14.80 -1.60 2.51
C ILE D 65 -13.52 -1.55 1.65
N GLU D 66 -12.94 -0.34 1.54
CA GLU D 66 -11.64 -0.25 0.76
C GLU D 66 -10.50 -1.07 1.34
N ARG D 67 -10.39 -1.05 2.66
CA ARG D 67 -9.39 -1.80 3.33
C ARG D 67 -9.63 -3.29 3.10
N MET D 68 -10.87 -3.77 3.11
CA MET D 68 -11.11 -5.16 2.89
C MET D 68 -10.68 -5.68 1.49
N LYS D 69 -10.97 -4.87 0.46
CA LYS D 69 -10.52 -5.22 -0.86
C LYS D 69 -8.99 -5.26 -0.91
N ASP D 70 -8.31 -4.36 -0.23
CA ASP D 70 -6.84 -4.37 -0.14
C ASP D 70 -6.39 -5.63 0.56
N THR D 71 -7.05 -6.04 1.66
CA THR D 71 -6.69 -7.27 2.38
C THR D 71 -6.86 -8.52 1.57
N LEU D 72 -7.99 -8.61 0.84
CA LEU D 72 -8.22 -9.77 0.02
C LEU D 72 -7.19 -9.89 -1.13
N ARG D 73 -6.86 -8.76 -1.75
CA ARG D 73 -5.86 -8.80 -2.81
C ARG D 73 -4.53 -9.32 -2.31
N ILE D 74 -4.05 -8.76 -1.20
CA ILE D 74 -2.73 -9.17 -0.73
CA ILE D 74 -2.74 -9.16 -0.69
C ILE D 74 -2.76 -10.57 -0.07
N ALA D 75 -3.88 -10.95 0.54
CA ALA D 75 -4.00 -12.35 0.99
C ALA D 75 -3.90 -13.33 -0.21
N TYR D 76 -4.65 -12.99 -1.28
CA TYR D 76 -4.60 -13.78 -2.47
C TYR D 76 -3.15 -13.93 -2.96
N LEU D 77 -2.48 -12.82 -3.17
CA LEU D 77 -1.14 -12.83 -3.78
C LEU D 77 -0.08 -13.53 -2.96
N THR D 78 -0.25 -13.50 -1.67
CA THR D 78 0.67 -14.19 -0.73
C THR D 78 0.26 -15.62 -0.38
N GLU D 79 -0.87 -16.07 -0.92
CA GLU D 79 -1.43 -17.40 -0.62
CA GLU D 79 -1.40 -17.42 -0.62
C GLU D 79 -1.63 -17.62 0.87
N ALA D 80 -2.08 -16.59 1.55
CA ALA D 80 -2.35 -16.65 2.96
C ALA D 80 -3.63 -17.44 3.23
N LYS D 81 -3.58 -18.32 4.20
CA LYS D 81 -4.71 -19.17 4.58
CA LYS D 81 -4.71 -19.16 4.51
C LYS D 81 -5.79 -18.33 5.24
N VAL D 82 -7.00 -18.40 4.71
CA VAL D 82 -8.17 -17.80 5.33
C VAL D 82 -8.81 -18.77 6.28
N GLU D 83 -8.97 -18.35 7.52
CA GLU D 83 -9.57 -19.22 8.52
C GLU D 83 -11.08 -19.19 8.32
N LYS D 84 -11.68 -18.07 8.61
CA LYS D 84 -13.17 -17.91 8.61
C LYS D 84 -13.54 -16.63 7.86
N LEU D 85 -14.75 -16.65 7.25
CA LEU D 85 -15.38 -15.45 6.79
C LEU D 85 -16.71 -15.29 7.55
N CYS D 86 -17.02 -14.09 7.98
CA CYS D 86 -18.36 -13.70 8.42
C CYS D 86 -19.05 -13.03 7.24
N VAL D 87 -20.18 -13.53 6.76
CA VAL D 87 -20.83 -13.01 5.58
C VAL D 87 -22.31 -12.70 5.85
N TRP D 88 -22.84 -11.69 5.18
CA TRP D 88 -24.25 -11.49 5.03
C TRP D 88 -24.79 -12.45 4.02
N ASN D 89 -25.80 -13.23 4.45
CA ASN D 89 -26.46 -14.24 3.62
C ASN D 89 -27.76 -13.77 2.97
N ASN D 90 -28.07 -12.48 3.08
CA ASN D 90 -29.23 -11.92 2.36
C ASN D 90 -28.84 -11.31 1.00
N LYS D 91 -27.63 -11.62 0.53
CA LYS D 91 -27.13 -11.15 -0.75
C LYS D 91 -26.53 -12.34 -1.48
N THR D 92 -26.49 -12.33 -2.82
CA THR D 92 -25.80 -13.34 -3.63
CA THR D 92 -25.74 -13.32 -3.59
C THR D 92 -24.88 -12.58 -4.61
N PRO D 93 -23.58 -12.86 -4.68
CA PRO D 93 -22.84 -13.68 -3.76
C PRO D 93 -22.96 -13.19 -2.30
N HIS D 94 -22.77 -14.11 -1.40
CA HIS D 94 -22.72 -13.75 0.01
C HIS D 94 -21.66 -12.64 0.19
N ALA D 95 -21.98 -11.65 1.02
CA ALA D 95 -21.24 -10.34 1.15
C ALA D 95 -20.36 -10.45 2.38
N ILE D 96 -19.03 -10.23 2.21
CA ILE D 96 -18.13 -10.25 3.33
C ILE D 96 -18.30 -9.09 4.27
N ALA D 97 -18.42 -9.47 5.58
CA ALA D 97 -18.44 -8.57 6.71
C ALA D 97 -17.11 -8.55 7.49
N ALA D 98 -16.52 -9.71 7.55
CA ALA D 98 -15.22 -9.83 8.26
C ALA D 98 -14.46 -11.06 7.80
N ILE D 99 -13.12 -11.04 8.00
CA ILE D 99 -12.26 -12.13 7.63
C ILE D 99 -11.29 -12.40 8.81
N SER D 100 -10.94 -13.69 8.99
CA SER D 100 -9.82 -14.07 9.87
C SER D 100 -8.89 -14.93 9.12
N MET D 101 -7.61 -14.67 9.38
CA MET D 101 -6.50 -15.38 8.76
CA MET D 101 -6.47 -15.35 8.76
C MET D 101 -5.66 -16.03 9.88
N ALA D 102 -5.41 -17.31 9.70
CA ALA D 102 -4.52 -18.08 10.60
C ALA D 102 -4.06 -19.29 9.87
N ASN D 103 -2.98 -19.86 10.37
CA ASN D 103 -2.64 -21.20 9.86
C ASN D 103 -3.38 -22.42 10.40
N THR E 1 11.39 13.57 24.99
CA THR E 1 10.66 12.88 23.88
C THR E 1 11.08 11.41 23.93
N PRO E 2 10.11 10.48 24.15
CA PRO E 2 10.56 9.14 24.42
C PRO E 2 11.38 8.51 23.29
N GLN E 3 12.28 7.61 23.64
CA GLN E 3 13.16 7.00 22.63
C GLN E 3 12.93 5.57 22.30
N ASN E 4 11.94 4.97 23.00
CA ASN E 4 11.55 3.58 22.82
C ASN E 4 10.11 3.40 23.32
N ILE E 5 9.54 2.28 22.99
CA ILE E 5 8.16 1.99 23.31
C ILE E 5 7.86 1.92 24.83
N THR E 6 8.85 1.50 25.58
CA THR E 6 8.64 1.35 27.04
C THR E 6 8.53 2.76 27.68
N ASP E 7 9.39 3.68 27.23
CA ASP E 7 9.34 5.04 27.74
C ASP E 7 8.11 5.81 27.22
N LEU E 8 7.65 5.57 25.95
CA LEU E 8 6.43 6.09 25.45
C LEU E 8 5.24 5.56 26.25
N CYS E 9 5.21 4.27 26.52
CA CYS E 9 4.06 3.65 27.20
C CYS E 9 3.95 4.22 28.62
N ALA E 10 5.11 4.49 29.25
CA ALA E 10 5.11 5.02 30.59
C ALA E 10 4.57 6.43 30.74
N GLU E 11 4.41 7.17 29.64
CA GLU E 11 3.86 8.51 29.68
C GLU E 11 2.38 8.51 30.05
N TYR E 12 1.71 7.40 29.78
CA TYR E 12 0.24 7.38 29.89
C TYR E 12 -0.25 6.68 31.16
N HIS E 13 -1.52 6.92 31.47
CA HIS E 13 -2.14 6.51 32.75
C HIS E 13 -2.68 5.06 32.77
N ASN E 14 -3.34 4.67 31.68
CA ASN E 14 -4.02 3.40 31.57
C ASN E 14 -3.39 2.38 30.64
N THR E 15 -2.08 2.54 30.39
CA THR E 15 -1.38 1.67 29.49
C THR E 15 -0.45 0.70 30.17
N GLN E 16 -0.12 -0.33 29.48
CA GLN E 16 0.75 -1.35 29.95
C GLN E 16 1.53 -1.98 28.79
N ILE E 17 2.79 -2.33 29.01
CA ILE E 17 3.57 -3.13 28.06
C ILE E 17 3.28 -4.62 28.17
N TYR E 18 3.03 -5.23 27.03
CA TYR E 18 3.09 -6.66 26.85
C TYR E 18 4.26 -7.05 26.01
N THR E 19 5.07 -7.97 26.46
CA THR E 19 6.22 -8.45 25.69
C THR E 19 5.92 -9.78 25.05
N LEU E 20 5.84 -9.77 23.72
CA LEU E 20 5.49 -10.97 22.98
C LEU E 20 6.66 -11.69 22.43
N ASN E 21 7.56 -10.94 21.79
CA ASN E 21 8.68 -11.58 21.09
C ASN E 21 8.25 -12.77 20.28
N ASP E 22 7.24 -12.52 19.43
CA ASP E 22 6.66 -13.58 18.62
C ASP E 22 5.92 -12.95 17.41
N LYS E 23 5.72 -13.80 16.44
CA LYS E 23 4.87 -13.45 15.28
CA LYS E 23 4.87 -13.38 15.30
C LYS E 23 3.41 -13.47 15.71
N ILE E 24 2.58 -12.76 14.97
CA ILE E 24 1.16 -12.79 15.15
C ILE E 24 0.59 -14.16 14.65
N PHE E 25 -0.25 -14.73 15.51
CA PHE E 25 -0.86 -15.99 15.23
C PHE E 25 -2.10 -15.86 14.27
N SER E 26 -2.95 -14.87 14.56
CA SER E 26 -4.13 -14.60 13.71
C SER E 26 -4.39 -13.14 13.58
N TYR E 27 -4.97 -12.79 12.40
CA TYR E 27 -5.34 -11.47 12.07
C TYR E 27 -6.79 -11.48 11.56
N THR E 28 -7.60 -10.66 12.18
CA THR E 28 -9.03 -10.56 11.87
C THR E 28 -9.32 -9.11 11.58
N GLU E 29 -10.15 -8.87 10.55
CA GLU E 29 -10.55 -7.55 10.11
CA GLU E 29 -10.64 -7.50 10.32
C GLU E 29 -12.08 -7.52 9.86
N SER E 30 -12.77 -6.46 10.23
CA SER E 30 -14.22 -6.28 10.05
C SER E 30 -14.52 -4.92 9.41
N LEU E 31 -15.51 -4.96 8.47
CA LEU E 31 -16.07 -3.78 7.87
C LEU E 31 -17.51 -3.56 8.34
N ALA E 32 -17.95 -4.40 9.27
CA ALA E 32 -19.36 -4.29 9.71
C ALA E 32 -19.61 -3.02 10.49
N GLY E 33 -20.80 -2.40 10.39
CA GLY E 33 -21.02 -1.07 10.90
C GLY E 33 -20.86 -0.99 12.39
N LYS E 34 -20.11 0.02 12.88
CA LYS E 34 -19.78 0.20 14.28
C LYS E 34 -18.77 -0.84 14.82
N ARG E 35 -18.23 -1.74 13.98
CA ARG E 35 -17.23 -2.72 14.36
C ARG E 35 -16.12 -2.73 13.26
N GLU E 36 -15.82 -1.54 12.79
CA GLU E 36 -14.73 -1.40 11.79
C GLU E 36 -13.39 -1.40 12.56
N MET E 37 -12.87 -2.61 12.73
CA MET E 37 -11.76 -2.87 13.68
C MET E 37 -10.89 -4.03 13.19
N ALA E 38 -9.73 -4.18 13.83
CA ALA E 38 -8.90 -5.35 13.62
C ALA E 38 -8.67 -6.01 14.98
N ILE E 39 -8.47 -7.30 14.96
CA ILE E 39 -8.14 -8.09 16.17
C ILE E 39 -6.98 -8.98 15.85
N ILE E 40 -5.91 -9.03 16.68
CA ILE E 40 -4.78 -9.94 16.46
C ILE E 40 -4.69 -10.84 17.70
N THR E 41 -4.17 -12.04 17.48
CA THR E 41 -3.84 -12.93 18.58
C THR E 41 -2.51 -13.49 18.45
N PHE E 42 -1.97 -13.92 19.58
CA PHE E 42 -0.72 -14.67 19.65
C PHE E 42 -0.88 -16.09 20.17
N LYS E 43 0.09 -16.93 19.91
CA LYS E 43 -0.11 -18.34 20.26
C LYS E 43 -0.23 -18.58 21.78
N ASN E 44 0.24 -17.65 22.58
CA ASN E 44 0.08 -17.72 24.04
C ASN E 44 -1.35 -17.41 24.47
N GLY E 45 -2.22 -17.09 23.54
CA GLY E 45 -3.60 -16.76 23.88
C GLY E 45 -3.97 -15.32 23.99
N ALA E 46 -2.99 -14.41 23.96
CA ALA E 46 -3.27 -13.02 24.08
C ALA E 46 -4.07 -12.45 22.90
N ILE E 47 -4.96 -11.53 23.18
CA ILE E 47 -5.85 -10.96 22.16
C ILE E 47 -5.75 -9.48 22.29
N PHE E 48 -5.57 -8.75 21.19
CA PHE E 48 -5.62 -7.32 21.22
C PHE E 48 -6.46 -6.78 20.03
N GLN E 49 -6.94 -5.57 20.16
CA GLN E 49 -7.67 -4.86 19.08
C GLN E 49 -7.00 -3.57 18.68
N VAL E 50 -7.31 -3.12 17.44
CA VAL E 50 -7.25 -1.73 17.09
C VAL E 50 -8.68 -1.23 17.15
N GLU E 51 -8.91 -0.25 18.02
CA GLU E 51 -10.22 0.31 18.33
CA GLU E 51 -10.29 0.17 18.34
C GLU E 51 -10.94 0.84 17.11
N VAL E 52 -12.23 0.87 17.15
CA VAL E 52 -13.08 1.47 16.15
C VAL E 52 -12.85 2.98 16.20
N PRO E 53 -12.60 3.66 15.07
CA PRO E 53 -12.48 5.12 15.04
C PRO E 53 -13.93 5.69 15.14
N GLY E 54 -14.22 6.39 16.20
CA GLY E 54 -15.49 7.09 16.30
C GLY E 54 -15.36 8.58 16.08
N SER E 55 -16.46 9.30 16.37
CA SER E 55 -16.56 10.76 16.21
C SER E 55 -15.72 11.51 17.25
N GLN E 56 -15.23 10.80 18.27
CA GLN E 56 -14.33 11.39 19.26
C GLN E 56 -12.94 11.71 18.71
N HIS E 57 -12.48 10.95 17.72
CA HIS E 57 -11.16 11.18 17.12
C HIS E 57 -11.12 12.28 16.06
N ILE E 58 -10.01 13.00 16.09
CA ILE E 58 -9.65 14.02 15.11
C ILE E 58 -8.90 13.33 13.98
N ASP E 59 -8.68 14.03 12.88
CA ASP E 59 -8.17 13.40 11.65
C ASP E 59 -6.88 12.60 11.87
N SER E 60 -5.86 13.26 12.40
CA SER E 60 -4.52 12.66 12.62
C SER E 60 -4.53 11.41 13.48
N GLN E 61 -5.46 11.38 14.44
CA GLN E 61 -5.73 10.15 15.21
C GLN E 61 -6.38 9.06 14.34
N LYS E 62 -7.37 9.45 13.54
CA LYS E 62 -7.95 8.50 12.55
C LYS E 62 -6.86 8.00 11.57
N LYS E 63 -5.96 8.84 11.11
CA LYS E 63 -4.90 8.41 10.18
C LYS E 63 -3.97 7.36 10.84
N ALA E 64 -3.61 7.62 12.10
CA ALA E 64 -2.72 6.74 12.81
C ALA E 64 -3.39 5.42 13.10
N ILE E 65 -4.72 5.40 13.34
CA ILE E 65 -5.43 4.16 13.49
C ILE E 65 -5.41 3.34 12.18
N GLU E 66 -5.60 4.03 11.05
CA GLU E 66 -5.55 3.32 9.79
C GLU E 66 -4.18 2.77 9.54
N ARG E 67 -3.14 3.57 9.91
CA ARG E 67 -1.75 3.08 9.73
C ARG E 67 -1.46 1.83 10.55
N MET E 68 -1.95 1.81 11.78
CA MET E 68 -1.73 0.70 12.68
C MET E 68 -2.33 -0.61 12.13
N LYS E 69 -3.53 -0.50 11.58
CA LYS E 69 -4.14 -1.69 10.95
C LYS E 69 -3.32 -2.17 9.76
N ASP E 70 -2.81 -1.20 8.98
CA ASP E 70 -1.95 -1.54 7.84
C ASP E 70 -0.70 -2.28 8.36
N THR E 71 -0.09 -1.79 9.42
CA THR E 71 1.10 -2.39 9.99
C THR E 71 0.85 -3.80 10.49
N LEU E 72 -0.24 -3.96 11.19
CA LEU E 72 -0.55 -5.26 11.72
C LEU E 72 -0.81 -6.29 10.63
N ARG E 73 -1.54 -5.88 9.58
CA ARG E 73 -1.75 -6.84 8.45
C ARG E 73 -0.47 -7.30 7.80
N ILE E 74 0.45 -6.33 7.47
CA ILE E 74 1.67 -6.74 6.80
CA ILE E 74 1.68 -6.70 6.80
C ILE E 74 2.68 -7.45 7.76
N ALA E 75 2.68 -7.14 9.02
CA ALA E 75 3.41 -7.89 9.99
C ALA E 75 2.92 -9.31 10.04
N TYR E 76 1.60 -9.49 10.11
CA TYR E 76 1.04 -10.83 10.05
C TYR E 76 1.52 -11.61 8.88
N LEU E 77 1.37 -11.02 7.70
CA LEU E 77 1.58 -11.76 6.44
C LEU E 77 3.04 -12.04 6.18
N THR E 78 3.95 -11.22 6.73
CA THR E 78 5.38 -11.45 6.64
C THR E 78 5.97 -12.24 7.81
N GLU E 79 5.12 -12.65 8.73
CA GLU E 79 5.54 -13.35 9.95
CA GLU E 79 5.56 -13.34 9.96
C GLU E 79 6.60 -12.57 10.76
N ALA E 80 6.47 -11.25 10.72
CA ALA E 80 7.41 -10.41 11.50
C ALA E 80 7.22 -10.64 12.96
N LYS E 81 8.34 -10.70 13.70
CA LYS E 81 8.22 -10.79 15.13
CA LYS E 81 8.23 -10.78 15.15
C LYS E 81 7.84 -9.44 15.76
N VAL E 82 6.84 -9.50 16.63
CA VAL E 82 6.43 -8.42 17.40
C VAL E 82 7.20 -8.46 18.71
N GLU E 83 7.94 -7.40 19.02
CA GLU E 83 8.66 -7.36 20.32
C GLU E 83 7.70 -7.04 21.41
N LYS E 84 7.17 -5.82 21.45
CA LYS E 84 6.31 -5.32 22.49
C LYS E 84 5.05 -4.68 21.91
N LEU E 85 3.96 -4.69 22.64
CA LEU E 85 2.82 -3.85 22.42
C LEU E 85 2.59 -3.01 23.65
N CYS E 86 2.31 -1.73 23.48
CA CYS E 86 1.73 -0.80 24.51
C CYS E 86 0.26 -0.74 24.32
N VAL E 87 -0.50 -1.12 25.35
CA VAL E 87 -1.95 -1.26 25.19
C VAL E 87 -2.70 -0.56 26.30
N TRP E 88 -3.92 -0.17 26.01
CA TRP E 88 -4.80 0.35 27.04
C TRP E 88 -5.47 -0.82 27.65
N ASN E 89 -5.37 -0.90 28.98
CA ASN E 89 -5.90 -2.05 29.67
C ASN E 89 -7.29 -1.82 30.20
N ASN E 90 -7.85 -0.65 29.97
CA ASN E 90 -9.21 -0.34 30.42
C ASN E 90 -10.25 -0.70 29.32
N LYS E 91 -9.92 -1.64 28.40
CA LYS E 91 -10.74 -2.10 27.26
C LYS E 91 -10.54 -3.59 27.08
N THR E 92 -11.56 -4.30 26.59
CA THR E 92 -11.47 -5.68 26.34
C THR E 92 -11.95 -5.89 24.90
N PRO E 93 -11.14 -6.53 24.05
CA PRO E 93 -9.72 -6.80 24.22
C PRO E 93 -8.95 -5.54 24.48
N HIS E 94 -7.76 -5.68 25.07
CA HIS E 94 -6.92 -4.50 25.23
C HIS E 94 -6.63 -3.85 23.84
N ALA E 95 -6.67 -2.54 23.81
CA ALA E 95 -6.52 -1.78 22.62
C ALA E 95 -5.08 -1.28 22.45
N ILE E 96 -4.58 -1.41 21.21
CA ILE E 96 -3.17 -1.06 20.90
C ILE E 96 -2.99 0.39 20.76
N ALA E 97 -1.96 0.88 21.47
CA ALA E 97 -1.48 2.27 21.42
C ALA E 97 -0.17 2.37 20.64
N ALA E 98 0.68 1.33 20.73
CA ALA E 98 1.94 1.30 20.02
C ALA E 98 2.43 -0.11 19.84
N ILE E 99 3.33 -0.31 18.88
CA ILE E 99 3.95 -1.56 18.57
C ILE E 99 5.43 -1.34 18.35
N SER E 100 6.22 -2.34 18.73
CA SER E 100 7.62 -2.40 18.35
C SER E 100 7.88 -3.75 17.74
N MET E 101 8.70 -3.77 16.67
CA MET E 101 9.10 -4.94 15.95
CA MET E 101 9.09 -4.96 15.98
C MET E 101 10.59 -5.06 15.97
N ALA E 102 11.07 -6.22 16.37
CA ALA E 102 12.51 -6.51 16.34
C ALA E 102 12.66 -8.02 16.32
N ASN E 103 13.85 -8.51 15.96
CA ASN E 103 14.14 -9.96 15.91
C ASN E 103 14.64 -10.46 17.25
S SO4 F . 15.17 23.71 7.51
O1 SO4 F . 14.16 24.73 7.95
O2 SO4 F . 16.29 24.49 6.82
O3 SO4 F . 14.52 22.88 6.43
O4 SO4 F . 15.56 22.89 8.76
C1 PEG G . -0.36 17.38 -25.05
O1 PEG G . 0.85 18.14 -24.98
C2 PEG G . -0.03 15.91 -25.01
O2 PEG G . -1.08 15.26 -24.29
C3 PEG G . -2.09 14.51 -24.96
C4 PEG G . -3.42 15.27 -24.91
O4 PEG G . -4.20 15.09 -26.12
C1 PGE H . 14.64 -12.32 -10.63
O1 PGE H . 14.57 -13.31 -9.59
C2 PGE H . 14.34 -10.88 -10.22
O2 PGE H . 12.94 -10.56 -10.27
C3 PGE H . 12.68 -9.22 -9.94
C4 PGE H . 11.20 -8.84 -9.88
O4 PGE H . 9.23 -9.87 -13.45
C6 PGE H . 8.55 -8.90 -12.62
C5 PGE H . 9.18 -8.86 -11.24
O3 PGE H . 10.60 -8.69 -11.21
C4 7BT I . -15.46 3.23 -20.98
C5 7BT I . -16.51 3.37 -19.93
C6 7BT I . -15.84 3.57 -18.60
C3 7BT I . -16.18 3.01 -22.36
CBB 7BT I . -26.34 1.19 -26.60
OAY 7BT I . -24.90 1.14 -26.53
CAU 7BT I . -24.30 2.07 -25.69
CAT 7BT I . -24.78 2.37 -24.39
CAV 7BT I . -23.14 2.74 -26.14
OAZ 7BT I . -22.67 2.46 -27.37
CBC 7BT I . -22.95 3.51 -28.32
CAW 7BT I . -22.46 3.68 -25.35
OBA 7BT I . -21.36 4.36 -25.85
CBD 7BT I . -20.21 3.68 -26.38
CAX 7BT I . -22.99 3.99 -24.10
CAF 7BT I . -24.12 3.32 -23.60
CAE 7BT I . -24.63 3.58 -22.31
CAC 7BT I . -23.73 3.64 -21.03
CAB 7BT I . -22.20 3.69 -21.12
OAD 7BT I . -21.67 3.49 -22.19
NAA 7BT I . -21.46 3.78 -20.02
CAG 7BT I . -19.99 3.85 -19.98
CAS 7BT I . -19.26 3.43 -21.30
C1 7BT I . -18.10 4.41 -21.45
O5 7BT I . -17.31 4.49 -20.22
O6 7BT I . -16.92 3.55 -17.56
O4 7BT I . -14.62 4.32 -21.13
O3 7BT I . -15.23 2.95 -23.39
C2 7BT I . -17.13 4.18 -22.62
O2 7BT I . -17.93 3.87 -23.84
C1 PGE J . -2.67 -18.64 -6.53
O1 PGE J . -3.08 -19.19 -5.26
C2 PGE J . -1.28 -18.00 -6.48
O2 PGE J . -1.42 -16.66 -6.03
C3 PGE J . -0.26 -15.90 -5.90
C4 PGE J . 0.10 -15.24 -7.20
O4 PGE J . 3.45 -17.37 -8.38
C6 PGE J . 3.34 -15.97 -8.66
C5 PGE J . 2.48 -15.33 -7.61
O3 PGE J . 1.21 -16.00 -7.66
C4 7BT K . -25.28 -5.67 4.27
C5 7BT K . -25.07 -4.69 5.38
C6 7BT K . -23.77 -3.91 5.18
C3 7BT K . -26.66 -6.39 4.48
CBB 7BT K . -31.94 -2.84 6.28
OAY 7BT K . -32.05 -4.28 6.50
CAU 7BT K . -31.92 -4.74 7.81
CAT 7BT K . -31.28 -3.97 8.80
CAV 7BT K . -32.49 -6.02 8.14
OAZ 7BT K . -33.16 -6.81 7.22
CBC 7BT K . -32.49 -7.21 6.01
CAW 7BT K . -32.38 -6.53 9.44
OBA 7BT K . -32.96 -7.78 9.67
CBD 7BT K . -33.43 -8.17 10.98
CAX 7BT K . -31.72 -5.74 10.41
CAF 7BT K . -31.12 -4.51 10.08
CAE 7BT K . -30.57 -3.70 11.05
CAC 7BT K . -29.49 -2.63 10.90
CAB 7BT K . -28.31 -2.53 9.89
OAD 7BT K . -27.45 -1.69 10.08
NAA 7BT K . -28.20 -3.41 8.94
CAG 7BT K . -27.21 -3.39 7.88
CAS 7BT K . -27.56 -4.63 7.03
C1 7BT K . -27.41 -4.24 5.52
O5 7BT K . -26.05 -3.69 5.34
O6 7BT K . -23.50 -3.02 6.30
O4 7BT K . -25.25 -5.06 2.94
O3 7BT K . -26.83 -7.32 3.36
C2 7BT K . -27.72 -5.35 4.53
O2 7BT K . -28.97 -5.96 4.91
C1 PEG L . -22.11 -1.85 18.39
O1 PEG L . -21.36 -2.94 18.89
C2 PEG L . -23.05 -2.35 17.33
O2 PEG L . -22.74 -3.67 16.84
C3 PEG L . -23.87 -4.45 16.50
C4 PEG L . -24.69 -3.79 15.40
O4 PEG L . -25.83 -4.58 15.03
#